data_5CV3
#
_entry.id   5CV3
#
_cell.length_a   87.312
_cell.length_b   87.312
_cell.length_c   45.059
_cell.angle_alpha   90.0
_cell.angle_beta   90.0
_cell.angle_gamma   120.0
#
_symmetry.space_group_name_H-M   'P 31 2 1'
#
loop_
_entity.id
_entity.type
_entity.pdbx_description
1 polymer 'Putative uncharacterized protein'
2 non-polymer 'ETHYL MERCURY ION'
#
_entity_poly.entity_id   1
_entity_poly.type   'polypeptide(L)'
_entity_poly.pdbx_seq_one_letter_code
;GKLLLEGVKEQDPVDKFTYLLLQPLTEATLSDAVNFIVEKYSAELPDEGDASLVVRSQLGCQFFFLVTRTLAHDQRELAK
LVQTLIPRPVRLEVFPGLQRSVFKSSVFLGHHIIQIFMGAKKPFQDWSFVGLAQDFECPWRRLAIAELLKKFSVSVVEKV
FDNPVALIPQHESDNEALIELVTNALRFALWIVEFYETETNEKSIKELAFLDHSSKTLLIESFTKFLQGKDVKDQDHLKR
IIDALEKS
;
_entity_poly.pdbx_strand_id   A
#
# COMPACT_ATOMS: atom_id res chain seq x y z
N ASP A 15 -25.30 -7.99 -5.99
CA ASP A 15 -26.01 -6.72 -5.99
C ASP A 15 -25.78 -5.96 -4.68
N LYS A 16 -25.91 -6.67 -3.57
CA LYS A 16 -25.70 -6.07 -2.25
C LYS A 16 -24.25 -5.63 -2.11
N PHE A 17 -23.35 -6.38 -2.74
CA PHE A 17 -21.93 -6.12 -2.67
C PHE A 17 -21.53 -4.92 -3.55
N THR A 18 -21.88 -4.99 -4.82
CA THR A 18 -21.48 -3.97 -5.79
C THR A 18 -22.02 -2.60 -5.41
N TYR A 19 -23.16 -2.58 -4.71
CA TYR A 19 -23.72 -1.33 -4.20
C TYR A 19 -22.73 -0.65 -3.26
N LEU A 20 -22.26 -1.40 -2.27
CA LEU A 20 -21.37 -0.90 -1.24
C LEU A 20 -20.04 -0.36 -1.79
N LEU A 21 -19.39 -1.16 -2.61
CA LEU A 21 -18.06 -0.81 -3.15
C LEU A 21 -18.09 0.48 -3.96
N LEU A 22 -19.25 0.78 -4.53
CA LEU A 22 -19.39 1.95 -5.40
C LEU A 22 -19.71 3.21 -4.59
N GLN A 23 -20.06 3.01 -3.33
CA GLN A 23 -20.40 4.12 -2.44
C GLN A 23 -19.18 4.98 -2.09
N PRO A 24 -19.42 6.24 -1.67
CA PRO A 24 -18.34 7.06 -1.12
C PRO A 24 -17.68 6.36 0.06
N LEU A 25 -16.36 6.49 0.16
CA LEU A 25 -15.59 5.74 1.15
C LEU A 25 -15.73 6.30 2.57
N THR A 26 -16.51 5.62 3.40
CA THR A 26 -16.66 5.99 4.81
C THR A 26 -16.41 4.78 5.71
N GLU A 27 -16.40 5.02 7.01
CA GLU A 27 -16.18 3.95 7.99
C GLU A 27 -17.33 2.95 7.96
N ALA A 28 -18.53 3.43 7.65
CA ALA A 28 -19.71 2.58 7.57
C ALA A 28 -19.64 1.65 6.36
N THR A 29 -19.38 2.22 5.20
CA THR A 29 -19.32 1.45 3.95
C THR A 29 -18.14 0.48 3.93
N LEU A 30 -17.10 0.81 4.69
CA LEU A 30 -15.91 -0.02 4.74
C LEU A 30 -16.11 -1.24 5.63
N SER A 31 -16.77 -1.04 6.76
CA SER A 31 -16.99 -2.12 7.73
C SER A 31 -17.92 -3.19 7.18
N ASP A 32 -18.98 -2.75 6.51
CA ASP A 32 -19.97 -3.67 5.95
C ASP A 32 -19.38 -4.52 4.83
N ALA A 33 -18.54 -3.90 4.00
CA ALA A 33 -17.91 -4.58 2.87
C ALA A 33 -16.98 -5.69 3.35
N VAL A 34 -16.13 -5.36 4.32
CA VAL A 34 -15.19 -6.33 4.88
C VAL A 34 -15.95 -7.50 5.50
N ASN A 35 -17.08 -7.22 6.14
CA ASN A 35 -17.92 -8.26 6.70
C ASN A 35 -18.45 -9.21 5.63
N PHE A 36 -18.78 -8.65 4.47
CA PHE A 36 -19.30 -9.46 3.37
C PHE A 36 -18.22 -10.36 2.80
N ILE A 37 -17.02 -9.80 2.61
CA ILE A 37 -15.90 -10.57 2.10
C ILE A 37 -15.54 -11.69 3.06
N VAL A 38 -15.56 -11.39 4.36
CA VAL A 38 -15.26 -12.37 5.39
C VAL A 38 -16.28 -13.50 5.40
N GLU A 39 -17.56 -13.16 5.31
CA GLU A 39 -18.61 -14.18 5.20
C GLU A 39 -18.34 -15.08 4.00
N LYS A 40 -17.92 -14.45 2.90
CA LYS A 40 -17.53 -15.19 1.71
C LYS A 40 -16.20 -15.89 1.90
N TYR A 41 -15.27 -15.23 2.58
CA TYR A 41 -13.95 -15.82 2.82
C TYR A 41 -14.06 -17.02 3.74
N SER A 42 -14.87 -16.88 4.78
CA SER A 42 -15.08 -17.98 5.72
C SER A 42 -15.54 -19.21 4.97
N ALA A 43 -16.45 -19.02 4.02
CA ALA A 43 -17.09 -20.11 3.28
C ALA A 43 -16.12 -21.09 2.62
N GLU A 44 -14.82 -20.80 2.70
CA GLU A 44 -13.82 -21.66 2.12
C GLU A 44 -12.92 -22.31 3.18
N LEU A 45 -12.96 -21.79 4.40
CA LEU A 45 -12.15 -22.34 5.50
C LEU A 45 -12.47 -23.80 5.85
N PRO A 46 -13.76 -24.19 5.87
CA PRO A 46 -14.06 -25.63 6.05
C PRO A 46 -13.40 -26.51 5.00
N ASP A 47 -13.27 -26.00 3.79
CA ASP A 47 -12.60 -26.74 2.71
C ASP A 47 -11.10 -26.49 2.78
N GLU A 48 -10.33 -27.43 2.26
CA GLU A 48 -8.87 -27.33 2.32
C GLU A 48 -8.20 -27.76 1.02
N GLY A 49 -9.01 -27.97 -0.02
CA GLY A 49 -8.50 -28.36 -1.32
C GLY A 49 -7.77 -27.24 -2.04
N ASP A 50 -7.47 -27.45 -3.32
CA ASP A 50 -6.80 -26.43 -4.11
C ASP A 50 -7.79 -25.41 -4.67
N ALA A 51 -9.00 -25.86 -4.96
CA ALA A 51 -10.06 -24.97 -5.44
C ALA A 51 -10.40 -23.95 -4.37
N SER A 52 -10.28 -24.36 -3.11
CA SER A 52 -10.54 -23.47 -1.99
C SER A 52 -9.48 -22.38 -1.87
N LEU A 53 -8.24 -22.75 -2.16
CA LEU A 53 -7.11 -21.84 -1.98
C LEU A 53 -7.13 -20.69 -2.96
N VAL A 54 -7.52 -20.98 -4.20
CA VAL A 54 -7.54 -19.93 -5.20
C VAL A 54 -8.67 -18.95 -4.95
N VAL A 55 -9.82 -19.46 -4.54
CA VAL A 55 -10.96 -18.63 -4.19
C VAL A 55 -10.63 -17.75 -3.00
N ARG A 56 -10.00 -18.35 -2.00
CA ARG A 56 -9.57 -17.63 -0.80
C ARG A 56 -8.49 -16.59 -1.13
N SER A 57 -7.61 -16.92 -2.06
CA SER A 57 -6.51 -16.04 -2.42
C SER A 57 -7.01 -14.78 -3.13
N GLN A 58 -8.15 -14.91 -3.82
CA GLN A 58 -8.77 -13.78 -4.51
C GLN A 58 -9.51 -12.92 -3.51
N LEU A 59 -10.29 -13.56 -2.65
CA LEU A 59 -11.01 -12.87 -1.58
C LEU A 59 -10.05 -12.12 -0.68
N GLY A 60 -8.85 -12.68 -0.51
CA GLY A 60 -7.81 -12.06 0.30
C GLY A 60 -7.37 -10.73 -0.27
N CYS A 61 -7.17 -10.68 -1.58
CA CYS A 61 -6.73 -9.45 -2.24
C CYS A 61 -7.91 -8.54 -2.56
N GLN A 62 -9.11 -8.96 -2.16
CA GLN A 62 -10.26 -8.06 -2.18
C GLN A 62 -10.13 -7.13 -0.98
N PHE A 63 -9.61 -7.68 0.12
CA PHE A 63 -9.30 -6.90 1.31
C PHE A 63 -8.30 -5.79 0.97
N PHE A 64 -7.25 -6.16 0.26
CA PHE A 64 -6.16 -5.22 -0.05
C PHE A 64 -6.60 -4.16 -1.06
N PHE A 65 -7.59 -4.50 -1.88
CA PHE A 65 -8.18 -3.51 -2.78
C PHE A 65 -8.78 -2.39 -1.94
N LEU A 66 -9.53 -2.77 -0.92
CA LEU A 66 -10.15 -1.81 -0.02
C LEU A 66 -9.11 -1.00 0.74
N VAL A 67 -8.00 -1.66 1.07
CA VAL A 67 -6.89 -0.97 1.72
C VAL A 67 -6.26 0.03 0.76
N THR A 68 -6.04 -0.40 -0.47
CA THR A 68 -5.40 0.43 -1.49
C THR A 68 -6.30 1.60 -1.88
N ARG A 69 -7.61 1.40 -1.81
CA ARG A 69 -8.55 2.46 -2.08
C ARG A 69 -8.45 3.55 -1.02
N THR A 70 -8.38 3.13 0.25
CA THR A 70 -8.27 4.06 1.37
C THR A 70 -6.98 4.88 1.30
N LEU A 71 -5.89 4.22 0.91
CA LEU A 71 -4.60 4.88 0.78
C LEU A 71 -4.67 5.96 -0.30
N ALA A 72 -5.24 5.61 -1.45
CA ALA A 72 -5.32 6.52 -2.58
C ALA A 72 -6.38 7.60 -2.38
N HIS A 73 -7.22 7.44 -1.37
CA HIS A 73 -8.28 8.39 -1.10
C HIS A 73 -7.96 9.24 0.13
N ASP A 74 -6.71 9.17 0.57
CA ASP A 74 -6.21 9.93 1.71
C ASP A 74 -7.05 9.71 2.98
N GLN A 75 -7.51 8.48 3.17
CA GLN A 75 -8.19 8.10 4.39
C GLN A 75 -7.44 6.94 5.04
N ARG A 76 -6.26 7.26 5.57
CA ARG A 76 -5.34 6.26 6.10
C ARG A 76 -5.84 5.64 7.40
N GLU A 77 -6.68 6.37 8.12
CA GLU A 77 -7.25 5.86 9.36
C GLU A 77 -8.20 4.71 9.07
N LEU A 78 -8.81 4.74 7.89
CA LEU A 78 -9.68 3.67 7.44
C LEU A 78 -8.86 2.46 7.00
N ALA A 79 -7.64 2.74 6.54
CA ALA A 79 -6.76 1.68 6.06
C ALA A 79 -6.34 0.75 7.20
N LYS A 80 -6.01 1.34 8.36
CA LYS A 80 -5.61 0.56 9.52
C LYS A 80 -6.78 -0.26 10.06
N LEU A 81 -7.99 0.26 9.89
CA LEU A 81 -9.20 -0.36 10.41
C LEU A 81 -9.49 -1.71 9.74
N VAL A 82 -8.96 -1.88 8.53
CA VAL A 82 -9.20 -3.10 7.75
C VAL A 82 -8.75 -4.36 8.49
N GLN A 83 -7.54 -4.33 9.05
CA GLN A 83 -7.00 -5.47 9.77
C GLN A 83 -7.82 -5.80 11.01
N THR A 84 -8.51 -4.80 11.54
CA THR A 84 -9.33 -4.96 12.74
C THR A 84 -10.62 -5.71 12.45
N LEU A 85 -11.25 -5.38 11.32
CA LEU A 85 -12.53 -5.97 10.96
C LEU A 85 -12.38 -7.41 10.45
N ILE A 86 -11.14 -7.88 10.36
CA ILE A 86 -10.85 -9.22 9.87
C ILE A 86 -10.61 -10.20 11.01
N PRO A 87 -11.43 -11.27 11.08
CA PRO A 87 -11.31 -12.32 12.09
C PRO A 87 -9.91 -12.92 12.13
N ARG A 88 -9.46 -13.28 13.33
CA ARG A 88 -8.10 -13.79 13.54
C ARG A 88 -7.72 -14.97 12.64
N PRO A 89 -8.59 -15.99 12.51
CA PRO A 89 -8.20 -17.08 11.60
C PRO A 89 -8.03 -16.61 10.16
N VAL A 90 -8.94 -15.76 9.70
CA VAL A 90 -8.84 -15.18 8.37
C VAL A 90 -7.61 -14.27 8.29
N ARG A 91 -7.32 -13.58 9.40
CA ARG A 91 -6.21 -12.65 9.47
C ARG A 91 -4.86 -13.35 9.37
N LEU A 92 -4.79 -14.58 9.88
CA LEU A 92 -3.56 -15.37 9.83
C LEU A 92 -3.21 -15.79 8.40
N GLU A 93 -4.24 -15.89 7.55
CA GLU A 93 -4.05 -16.36 6.19
C GLU A 93 -3.88 -15.20 5.21
N VAL A 94 -4.52 -14.07 5.52
CA VAL A 94 -4.42 -12.89 4.67
C VAL A 94 -3.14 -12.11 4.99
N PHE A 95 -2.83 -12.01 6.27
CA PHE A 95 -1.60 -11.37 6.73
C PHE A 95 -0.67 -12.40 7.37
N PRO A 96 0.02 -13.19 6.54
CA PRO A 96 0.82 -14.31 7.04
C PRO A 96 2.03 -13.87 7.85
N GLY A 97 2.31 -14.59 8.94
CA GLY A 97 3.49 -14.38 9.74
C GLY A 97 3.81 -12.95 10.14
N LEU A 98 4.87 -12.41 9.56
CA LEU A 98 5.40 -11.12 9.98
C LEU A 98 4.68 -9.95 9.30
N GLN A 99 3.85 -10.26 8.30
CA GLN A 99 3.04 -9.23 7.64
C GLN A 99 2.06 -8.63 8.63
N ARG A 100 1.62 -9.44 9.59
CA ARG A 100 0.69 -9.01 10.61
C ARG A 100 1.29 -7.90 11.47
N SER A 101 2.57 -8.05 11.81
CA SER A 101 3.23 -7.14 12.74
C SER A 101 3.62 -5.81 12.10
N VAL A 102 3.79 -5.80 10.78
CA VAL A 102 4.29 -4.60 10.10
C VAL A 102 3.24 -3.94 9.21
N PHE A 103 2.00 -4.39 9.29
CA PHE A 103 0.92 -3.86 8.47
C PHE A 103 0.70 -2.37 8.72
N LYS A 104 0.78 -1.98 9.99
CA LYS A 104 0.66 -0.58 10.39
C LYS A 104 1.69 0.28 9.68
N SER A 105 2.90 -0.25 9.56
CA SER A 105 4.00 0.47 8.92
C SER A 105 3.84 0.50 7.40
N SER A 106 3.39 -0.62 6.85
CA SER A 106 3.19 -0.73 5.40
C SER A 106 2.14 0.25 4.91
N VAL A 107 1.03 0.32 5.63
CA VAL A 107 -0.06 1.23 5.32
C VAL A 107 0.43 2.67 5.27
N PHE A 108 1.20 3.06 6.28
CA PHE A 108 1.75 4.40 6.36
C PHE A 108 2.71 4.68 5.19
N LEU A 109 3.57 3.71 4.90
CA LEU A 109 4.54 3.86 3.82
C LEU A 109 3.84 4.00 2.47
N GLY A 110 2.87 3.13 2.22
CA GLY A 110 2.10 3.18 0.99
C GLY A 110 1.30 4.45 0.87
N HIS A 111 0.76 4.93 1.98
CA HIS A 111 -0.02 6.17 2.00
C HIS A 111 0.87 7.37 1.71
N HIS A 112 2.02 7.40 2.36
CA HIS A 112 2.98 8.50 2.20
C HIS A 112 3.36 8.69 0.74
N ILE A 113 3.74 7.61 0.06
CA ILE A 113 4.19 7.68 -1.32
C ILE A 113 3.05 7.97 -2.30
N ILE A 114 1.93 7.26 -2.14
CA ILE A 114 0.78 7.44 -3.02
C ILE A 114 0.27 8.88 -3.00
N GLN A 115 0.20 9.46 -1.80
CA GLN A 115 -0.23 10.84 -1.66
C GLN A 115 0.73 11.80 -2.36
N ILE A 116 2.02 11.51 -2.24
CA ILE A 116 3.04 12.29 -2.94
C ILE A 116 2.85 12.22 -4.45
N PHE A 117 2.61 11.01 -4.94
CA PHE A 117 2.39 10.79 -6.37
C PHE A 117 1.11 11.46 -6.85
N MET A 118 0.12 11.55 -5.97
CA MET A 118 -1.12 12.24 -6.31
C MET A 118 -0.96 13.75 -6.06
N GLY A 119 0.19 14.11 -5.49
CA GLY A 119 0.56 15.50 -5.36
C GLY A 119 0.30 16.11 -3.99
N ALA A 120 -0.49 15.42 -3.17
CA ALA A 120 -0.94 15.92 -1.87
C ALA A 120 0.13 16.73 -1.13
N LYS A 121 -0.12 18.02 -0.99
CA LYS A 121 0.85 18.95 -0.44
C LYS A 121 1.23 18.64 1.01
N LYS A 122 1.63 17.40 1.25
CA LYS A 122 2.15 16.99 2.55
C LYS A 122 1.08 17.17 3.64
N PRO A 123 1.41 16.90 4.92
CA PRO A 123 2.56 16.26 5.55
C PRO A 123 2.25 14.89 6.10
N PHE A 124 3.28 14.20 6.54
CA PHE A 124 3.17 12.82 6.96
C PHE A 124 3.96 12.65 8.25
N GLN A 125 3.51 11.74 9.11
CA GLN A 125 4.10 11.58 10.42
C GLN A 125 5.55 11.10 10.33
N ASP A 126 6.26 11.17 11.45
CA ASP A 126 7.67 10.78 11.50
C ASP A 126 7.84 9.31 11.13
N TRP A 127 9.01 8.96 10.62
CA TRP A 127 9.31 7.57 10.30
C TRP A 127 9.82 6.82 11.52
N SER A 128 10.47 7.55 12.42
CA SER A 128 11.02 6.96 13.65
C SER A 128 9.97 6.91 14.77
N PHE A 129 8.85 7.59 14.56
CA PHE A 129 7.78 7.61 15.55
C PHE A 129 6.77 6.49 15.32
N VAL A 130 6.38 6.31 14.07
CA VAL A 130 5.38 5.31 13.73
C VAL A 130 6.00 3.92 13.59
N GLY A 131 7.27 3.81 13.97
CA GLY A 131 7.97 2.55 13.96
C GLY A 131 8.36 2.09 12.57
N LEU A 132 8.22 2.98 11.59
CA LEU A 132 8.57 2.66 10.22
C LEU A 132 10.09 2.62 10.03
N ALA A 133 10.78 3.60 10.60
CA ALA A 133 12.24 3.64 10.54
C ALA A 133 12.83 2.46 11.30
N GLN A 134 12.10 2.00 12.31
CA GLN A 134 12.53 0.83 13.07
C GLN A 134 12.38 -0.46 12.27
N ASP A 135 11.27 -0.58 11.55
CA ASP A 135 11.00 -1.76 10.75
C ASP A 135 12.00 -1.89 9.60
N PHE A 136 12.57 -0.77 9.17
CA PHE A 136 13.56 -0.76 8.10
C PHE A 136 14.84 -1.49 8.51
N GLU A 137 15.27 -1.29 9.75
CA GLU A 137 16.52 -1.84 10.24
C GLU A 137 16.47 -3.35 10.46
N CYS A 138 15.28 -3.92 10.31
CA CYS A 138 15.14 -5.37 10.34
C CYS A 138 14.84 -5.88 8.93
N PRO A 139 15.79 -6.63 8.34
CA PRO A 139 15.67 -7.14 6.97
C PRO A 139 14.46 -8.04 6.77
N TRP A 140 14.01 -8.73 7.82
CA TRP A 140 12.87 -9.62 7.73
C TRP A 140 11.56 -8.87 7.82
N ARG A 141 11.62 -7.67 8.40
CA ARG A 141 10.45 -6.80 8.44
C ARG A 141 10.26 -6.10 7.11
N ARG A 142 11.37 -5.82 6.43
CA ARG A 142 11.32 -5.23 5.10
C ARG A 142 10.67 -6.18 4.10
N LEU A 143 10.94 -7.48 4.27
CA LEU A 143 10.34 -8.49 3.41
C LEU A 143 8.82 -8.52 3.59
N ALA A 144 8.39 -8.49 4.85
CA ALA A 144 6.98 -8.54 5.18
C ALA A 144 6.26 -7.27 4.73
N ILE A 145 6.98 -6.16 4.72
CA ILE A 145 6.45 -4.90 4.23
C ILE A 145 6.36 -4.93 2.70
N ALA A 146 7.42 -5.42 2.07
CA ALA A 146 7.47 -5.53 0.62
C ALA A 146 6.37 -6.46 0.10
N GLU A 147 6.12 -7.54 0.84
CA GLU A 147 5.07 -8.48 0.47
C GLU A 147 3.69 -7.83 0.52
N LEU A 148 3.53 -6.87 1.42
CA LEU A 148 2.26 -6.15 1.54
C LEU A 148 2.10 -5.12 0.44
N LEU A 149 3.17 -4.35 0.19
CA LEU A 149 3.17 -3.35 -0.88
C LEU A 149 2.87 -3.98 -2.22
N LYS A 150 3.43 -5.18 -2.45
CA LYS A 150 3.18 -5.91 -3.67
C LYS A 150 1.71 -6.34 -3.77
N LYS A 151 1.16 -6.77 -2.65
CA LYS A 151 -0.25 -7.18 -2.59
C LYS A 151 -1.17 -5.99 -2.82
N PHE A 152 -0.81 -4.83 -2.28
CA PHE A 152 -1.55 -3.60 -2.50
C PHE A 152 -1.62 -3.30 -3.99
N SER A 153 -0.49 -3.49 -4.68
CA SER A 153 -0.36 -3.15 -6.08
C SER A 153 -1.16 -4.07 -7.00
N VAL A 154 -1.10 -5.36 -6.71
CA VAL A 154 -1.73 -6.36 -7.58
C VAL A 154 -3.25 -6.39 -7.41
N SER A 155 -3.75 -5.87 -6.30
CA SER A 155 -5.18 -5.90 -6.04
C SER A 155 -5.93 -4.92 -6.93
N VAL A 156 -5.22 -3.91 -7.42
CA VAL A 156 -5.82 -2.88 -8.24
C VAL A 156 -5.44 -3.02 -9.71
N VAL A 157 -4.44 -3.85 -9.99
CA VAL A 157 -4.09 -4.17 -11.37
C VAL A 157 -4.98 -5.30 -11.87
N GLU A 158 -5.03 -6.39 -11.10
CA GLU A 158 -5.89 -7.51 -11.43
C GLU A 158 -7.35 -7.15 -11.18
N LYS A 159 -8.25 -8.02 -11.61
CA LYS A 159 -9.68 -7.82 -11.38
C LYS A 159 -10.14 -8.75 -10.26
N VAL A 160 -10.16 -8.22 -9.04
CA VAL A 160 -10.43 -9.03 -7.86
C VAL A 160 -11.93 -9.31 -7.67
N PHE A 161 -12.78 -8.49 -8.26
CA PHE A 161 -14.21 -8.72 -8.24
C PHE A 161 -14.66 -9.28 -9.58
N ASP A 162 -15.84 -9.91 -9.61
CA ASP A 162 -16.37 -10.47 -10.85
C ASP A 162 -17.05 -9.39 -11.69
N ASN A 163 -17.27 -8.24 -11.08
CA ASN A 163 -17.75 -7.04 -11.78
C ASN A 163 -16.80 -5.88 -11.59
N PRO A 164 -16.52 -5.14 -12.68
CA PRO A 164 -15.54 -4.04 -12.64
C PRO A 164 -15.88 -2.97 -11.60
N VAL A 165 -14.88 -2.58 -10.82
CA VAL A 165 -15.04 -1.58 -9.77
C VAL A 165 -13.93 -0.52 -9.85
N ALA A 166 -14.32 0.76 -9.87
CA ALA A 166 -13.36 1.84 -9.90
C ALA A 166 -12.57 1.91 -8.61
N LEU A 167 -11.26 2.16 -8.72
CA LEU A 167 -10.40 2.28 -7.55
C LEU A 167 -10.91 3.38 -6.62
N ILE A 168 -11.22 4.52 -7.21
CA ILE A 168 -11.87 5.61 -6.49
C ILE A 168 -13.29 5.77 -7.02
N PRO A 169 -14.28 5.65 -6.13
CA PRO A 169 -15.70 5.79 -6.51
C PRO A 169 -15.95 7.08 -7.31
N GLN A 170 -16.89 7.02 -8.25
CA GLN A 170 -17.26 8.13 -9.14
C GLN A 170 -16.22 8.43 -10.22
N HIS A 171 -14.98 7.98 -10.01
CA HIS A 171 -13.90 8.26 -10.95
C HIS A 171 -13.72 7.12 -11.95
N GLU A 172 -14.59 7.06 -12.95
CA GLU A 172 -14.60 5.98 -13.93
C GLU A 172 -13.67 6.25 -15.11
N SER A 173 -13.89 7.36 -15.79
CA SER A 173 -13.16 7.70 -17.01
C SER A 173 -11.66 7.89 -16.76
N ASP A 174 -11.29 8.19 -15.52
CA ASP A 174 -9.90 8.41 -15.17
C ASP A 174 -9.33 7.28 -14.33
N ASN A 175 -9.99 6.11 -14.38
CA ASN A 175 -9.61 4.98 -13.55
C ASN A 175 -8.29 4.34 -13.98
N GLU A 176 -8.10 4.20 -15.29
CA GLU A 176 -6.87 3.63 -15.82
C GLU A 176 -5.68 4.53 -15.49
N ALA A 177 -5.93 5.83 -15.41
CA ALA A 177 -4.89 6.80 -15.09
C ALA A 177 -4.52 6.72 -13.61
N LEU A 178 -5.53 6.59 -12.76
CA LEU A 178 -5.32 6.50 -11.31
C LEU A 178 -4.52 5.27 -10.93
N ILE A 179 -4.94 4.12 -11.45
CA ILE A 179 -4.26 2.85 -11.16
C ILE A 179 -2.80 2.90 -11.60
N GLU A 180 -2.57 3.47 -12.79
CA GLU A 180 -1.22 3.66 -13.29
C GLU A 180 -0.38 4.47 -12.31
N LEU A 181 -0.97 5.56 -11.81
CA LEU A 181 -0.30 6.45 -10.88
C LEU A 181 -0.03 5.76 -9.54
N VAL A 182 -1.06 5.15 -8.97
CA VAL A 182 -0.97 4.49 -7.68
C VAL A 182 0.04 3.34 -7.69
N THR A 183 -0.01 2.50 -8.71
CA THR A 183 0.87 1.35 -8.81
C THR A 183 2.34 1.75 -8.95
N ASN A 184 2.58 2.90 -9.59
CA ASN A 184 3.93 3.43 -9.69
C ASN A 184 4.43 3.88 -8.32
N ALA A 185 3.55 4.51 -7.56
CA ALA A 185 3.86 4.93 -6.21
C ALA A 185 4.19 3.71 -5.35
N LEU A 186 3.32 2.71 -5.42
CA LEU A 186 3.53 1.46 -4.70
C LEU A 186 4.80 0.74 -5.16
N ARG A 187 5.26 1.07 -6.35
CA ARG A 187 6.51 0.51 -6.85
C ARG A 187 7.71 1.26 -6.27
N PHE A 188 7.59 2.58 -6.14
CA PHE A 188 8.67 3.37 -5.57
C PHE A 188 8.78 3.11 -4.07
N ALA A 189 7.65 2.83 -3.44
CA ALA A 189 7.65 2.42 -2.03
C ALA A 189 8.34 1.07 -1.90
N LEU A 190 8.23 0.27 -2.96
CA LEU A 190 8.86 -1.04 -3.01
C LEU A 190 10.35 -0.91 -3.25
N TRP A 191 10.75 0.17 -3.92
CA TRP A 191 12.16 0.43 -4.20
C TRP A 191 12.89 0.89 -2.96
N ILE A 192 12.22 1.71 -2.15
CA ILE A 192 12.78 2.20 -0.89
C ILE A 192 13.08 1.05 0.06
N VAL A 193 12.20 0.05 0.05
CA VAL A 193 12.34 -1.11 0.91
C VAL A 193 13.50 -2.02 0.49
N GLU A 194 13.51 -2.39 -0.79
CA GLU A 194 14.47 -3.38 -1.29
C GLU A 194 15.88 -2.84 -1.43
N PHE A 195 16.02 -1.52 -1.51
CA PHE A 195 17.34 -0.92 -1.64
C PHE A 195 17.64 -0.02 -0.45
N TYR A 196 17.36 -0.53 0.74
CA TYR A 196 17.65 0.18 1.97
C TYR A 196 19.15 0.19 2.24
N GLU A 197 19.70 1.39 2.38
CA GLU A 197 21.14 1.60 2.62
C GLU A 197 22.00 1.12 1.45
N THR A 198 21.38 0.97 0.28
CA THR A 198 22.10 0.67 -0.95
C THR A 198 21.53 1.51 -2.10
N GLU A 199 20.92 2.63 -1.75
CA GLU A 199 20.20 3.46 -2.71
C GLU A 199 21.08 4.01 -3.84
N THR A 200 22.21 4.60 -3.46
CA THR A 200 23.05 5.31 -4.42
C THR A 200 23.91 4.38 -5.26
N ASN A 201 23.82 3.08 -5.01
CA ASN A 201 24.56 2.10 -5.81
C ASN A 201 23.98 2.02 -7.22
N GLU A 202 24.86 1.80 -8.19
CA GLU A 202 24.51 1.85 -9.61
C GLU A 202 23.30 1.00 -9.99
N LYS A 203 23.27 -0.24 -9.50
CA LYS A 203 22.18 -1.15 -9.82
C LYS A 203 20.87 -0.69 -9.19
N SER A 204 20.95 -0.01 -8.06
CA SER A 204 19.76 0.49 -7.38
C SER A 204 19.17 1.68 -8.13
N ILE A 205 20.04 2.46 -8.76
CA ILE A 205 19.62 3.66 -9.47
C ILE A 205 19.00 3.30 -10.82
N LYS A 206 19.49 2.23 -11.43
CA LYS A 206 18.96 1.76 -12.71
C LYS A 206 17.50 1.36 -12.61
N GLU A 207 17.05 1.05 -11.40
CA GLU A 207 15.67 0.64 -11.19
C GLU A 207 14.78 1.82 -10.85
N LEU A 208 15.29 3.02 -11.11
CA LEU A 208 14.48 4.23 -10.98
C LEU A 208 14.09 4.72 -12.37
N ALA A 209 14.44 3.92 -13.38
CA ALA A 209 14.17 4.27 -14.77
C ALA A 209 12.66 4.31 -15.05
N PHE A 210 11.89 3.60 -14.24
CA PHE A 210 10.45 3.54 -14.44
C PHE A 210 9.78 4.86 -14.09
N LEU A 211 10.42 5.62 -13.21
CA LEU A 211 9.86 6.88 -12.72
C LEU A 211 9.82 7.97 -13.78
N ASP A 212 8.69 8.66 -13.86
CA ASP A 212 8.57 9.84 -14.69
C ASP A 212 9.44 10.94 -14.12
N HIS A 213 9.93 11.83 -14.98
CA HIS A 213 10.81 12.91 -14.55
C HIS A 213 10.11 13.86 -13.58
N SER A 214 8.82 14.09 -13.80
CA SER A 214 8.03 14.91 -12.89
C SER A 214 7.86 14.23 -11.54
N SER A 215 7.70 12.90 -11.58
CA SER A 215 7.56 12.12 -10.35
C SER A 215 8.79 12.24 -9.47
N LYS A 216 9.97 12.17 -10.08
CA LYS A 216 11.23 12.28 -9.35
C LYS A 216 11.33 13.64 -8.67
N THR A 217 10.95 14.69 -9.39
CA THR A 217 11.01 16.05 -8.85
C THR A 217 10.04 16.22 -7.70
N LEU A 218 8.84 15.67 -7.85
CA LEU A 218 7.85 15.67 -6.78
C LEU A 218 8.38 14.97 -5.54
N LEU A 219 9.10 13.87 -5.76
CA LEU A 219 9.67 13.08 -4.68
C LEU A 219 10.84 13.81 -4.03
N ILE A 220 11.73 14.36 -4.85
CA ILE A 220 12.87 15.13 -4.36
C ILE A 220 12.41 16.29 -3.47
N GLU A 221 11.39 17.01 -3.94
CA GLU A 221 10.88 18.16 -3.21
C GLU A 221 10.17 17.76 -1.92
N SER A 222 9.26 16.80 -2.01
CA SER A 222 8.46 16.38 -0.87
C SER A 222 9.34 15.77 0.23
N PHE A 223 10.44 15.15 -0.16
CA PHE A 223 11.38 14.57 0.81
C PHE A 223 12.29 15.64 1.40
N THR A 224 12.74 16.56 0.55
CA THR A 224 13.58 17.68 0.99
C THR A 224 12.84 18.52 2.02
N LYS A 225 11.52 18.59 1.86
CA LYS A 225 10.68 19.33 2.78
C LYS A 225 10.29 18.46 3.98
N PHE A 226 10.53 17.16 3.85
CA PHE A 226 10.13 16.20 4.88
C PHE A 226 11.25 15.93 5.88
N LEU A 227 12.47 16.32 5.53
CA LEU A 227 13.63 16.02 6.36
C LEU A 227 13.92 17.13 7.37
N GLN A 228 13.21 18.25 7.24
CA GLN A 228 13.43 19.40 8.09
C GLN A 228 13.11 19.12 9.55
N GLY A 229 14.12 19.21 10.41
CA GLY A 229 13.94 19.04 11.84
C GLY A 229 13.87 17.59 12.30
N LYS A 230 13.80 16.67 11.34
CA LYS A 230 13.67 15.25 11.64
C LYS A 230 14.91 14.69 12.32
N ASP A 231 14.79 13.45 12.80
CA ASP A 231 15.93 12.73 13.36
C ASP A 231 17.00 12.55 12.29
N VAL A 232 18.26 12.66 12.70
CA VAL A 232 19.40 12.56 11.79
C VAL A 232 19.35 11.27 10.97
N LYS A 233 18.90 10.19 11.61
CA LYS A 233 18.81 8.89 10.98
C LYS A 233 17.82 8.91 9.83
N ASP A 234 16.66 9.53 10.05
CA ASP A 234 15.66 9.67 8.99
C ASP A 234 16.16 10.61 7.91
N GLN A 235 16.85 11.67 8.32
CA GLN A 235 17.37 12.65 7.38
C GLN A 235 18.40 12.04 6.43
N ASP A 236 19.35 11.29 6.99
CA ASP A 236 20.38 10.64 6.18
C ASP A 236 19.76 9.57 5.28
N HIS A 237 18.69 8.95 5.76
CA HIS A 237 17.94 7.99 4.96
C HIS A 237 17.31 8.69 3.76
N LEU A 238 16.72 9.85 4.02
CA LEU A 238 16.09 10.64 2.98
C LEU A 238 16.96 11.23 1.86
N LYS A 239 18.06 11.86 2.25
CA LYS A 239 19.00 12.39 1.24
C LYS A 239 19.84 11.31 0.44
N ARG A 240 19.71 10.10 0.96
CA ARG A 240 20.28 8.92 0.30
C ARG A 240 19.24 8.64 -0.79
N ILE A 241 17.97 8.79 -0.45
CA ILE A 241 16.90 8.62 -1.41
C ILE A 241 16.91 9.75 -2.43
N ILE A 242 17.00 10.99 -1.93
CA ILE A 242 17.02 12.17 -2.78
C ILE A 242 18.20 12.15 -3.74
N ASP A 243 19.38 11.81 -3.23
CA ASP A 243 20.59 11.76 -4.05
C ASP A 243 20.49 10.67 -5.11
N ALA A 244 19.80 9.59 -4.78
CA ALA A 244 19.57 8.50 -5.73
C ALA A 244 18.60 8.96 -6.82
N LEU A 245 17.70 9.86 -6.46
CA LEU A 245 16.76 10.45 -7.41
C LEU A 245 17.45 11.47 -8.31
N GLU A 246 18.40 12.21 -7.74
CA GLU A 246 19.09 13.27 -8.46
C GLU A 246 20.12 12.73 -9.45
N LYS A 247 20.37 11.42 -9.39
CA LYS A 247 21.38 10.80 -10.23
C LYS A 247 20.75 10.02 -11.38
N SER A 248 19.55 9.49 -11.15
CA SER A 248 18.87 8.67 -12.15
C SER A 248 18.51 9.48 -13.39
#